data_3OC8
#
_entry.id   3OC8
#
_cell.length_a   64.220
_cell.length_b   80.300
_cell.length_c   56.090
_cell.angle_alpha   90.00
_cell.angle_beta   90.00
_cell.angle_gamma   90.00
#
_symmetry.space_group_name_H-M   'C 2 2 21'
#
loop_
_entity.id
_entity.type
_entity.pdbx_description
1 polymer 'Toxin coregulated pilus biosynthesis protein F'
2 non-polymer '1,4-DIETHYLENE DIOXIDE'
3 non-polymer GLYCEROL
4 non-polymer 'SULFATE ION'
5 water water
#
_entity_poly.entity_id   1
_entity_poly.type   'polypeptide(L)'
_entity_poly.pdbx_seq_one_letter_code
;GSHMEIYPHIKVYEGTLSRLKPGGAMIAVLEYDVNELSKHGYTNLWDVQFKVLVGVPHAETGVIYDPVYEETVKPYQPSN
NLTGKKLYNVSTNDMHNGYKWSNTMFSNSNYKTQILLTKGDGSGVKLYSKAYSENFK
;
_entity_poly.pdbx_strand_id   A
#
loop_
_chem_comp.id
_chem_comp.type
_chem_comp.name
_chem_comp.formula
DIO non-polymer '1,4-DIETHYLENE DIOXIDE' 'C4 H8 O2'
GOL non-polymer GLYCEROL 'C3 H8 O3'
SO4 non-polymer 'SULFATE ION' 'O4 S -2'
#
# COMPACT_ATOMS: atom_id res chain seq x y z
N MET A 4 10.21 9.67 -45.61
CA MET A 4 10.65 8.81 -44.48
C MET A 4 9.46 8.42 -43.60
N GLU A 5 9.60 7.26 -42.99
CA GLU A 5 8.59 6.60 -42.15
C GLU A 5 8.51 7.34 -40.83
N ILE A 6 7.34 7.37 -40.20
CA ILE A 6 7.20 8.12 -38.95
C ILE A 6 7.21 7.17 -37.76
N TYR A 7 8.09 7.46 -36.81
CA TYR A 7 8.16 6.76 -35.57
C TYR A 7 7.84 7.72 -34.44
N PRO A 8 6.57 7.77 -33.96
CA PRO A 8 6.22 8.71 -32.89
C PRO A 8 6.84 8.29 -31.57
N HIS A 9 6.87 9.18 -30.60
CA HIS A 9 7.38 8.81 -29.29
C HIS A 9 6.37 7.83 -28.65
N ILE A 10 6.85 6.69 -28.20
CA ILE A 10 6.00 5.65 -27.58
C ILE A 10 6.68 5.28 -26.28
N LYS A 11 5.99 5.45 -25.15
CA LYS A 11 6.47 4.88 -23.89
C LYS A 11 5.76 3.54 -23.74
N VAL A 12 6.56 2.50 -23.45
CA VAL A 12 6.07 1.15 -23.14
C VAL A 12 6.03 0.98 -21.62
N TYR A 13 4.85 0.89 -21.05
CA TYR A 13 4.76 0.63 -19.64
C TYR A 13 5.10 -0.82 -19.28
N GLU A 14 6.03 -0.97 -18.36
CA GLU A 14 6.44 -2.26 -17.88
C GLU A 14 6.49 -2.25 -16.37
N GLY A 15 6.31 -3.43 -15.78
CA GLY A 15 6.32 -3.58 -14.35
C GLY A 15 5.30 -4.58 -13.87
N THR A 16 5.05 -4.56 -12.58
CA THR A 16 4.17 -5.48 -11.91
C THR A 16 3.11 -4.65 -11.15
N LEU A 17 1.87 -4.88 -11.47
CA LEU A 17 0.77 -4.14 -10.78
C LEU A 17 0.38 -4.95 -9.54
N SER A 18 -0.72 -4.57 -8.90
CA SER A 18 -1.03 -5.04 -7.54
C SER A 18 -1.20 -6.55 -7.42
N ARG A 19 -0.59 -7.11 -6.36
CA ARG A 19 -0.69 -8.54 -6.05
C ARG A 19 -0.79 -8.74 -4.54
N LEU A 20 -1.80 -9.52 -4.12
CA LEU A 20 -1.96 -9.90 -2.73
C LEU A 20 -2.25 -11.42 -2.70
N LYS A 21 -1.16 -12.20 -2.79
CA LYS A 21 -1.23 -13.64 -3.02
C LYS A 21 -0.16 -14.39 -2.23
N PRO A 22 -0.41 -15.68 -1.90
CA PRO A 22 0.64 -16.44 -1.18
C PRO A 22 1.96 -16.51 -1.96
N GLY A 23 3.05 -16.70 -1.24
CA GLY A 23 4.36 -16.99 -1.81
C GLY A 23 5.15 -15.82 -2.38
N GLY A 24 4.69 -14.60 -2.16
CA GLY A 24 5.41 -13.42 -2.68
C GLY A 24 5.03 -12.18 -1.89
N ALA A 25 5.88 -11.14 -2.01
CA ALA A 25 5.56 -9.81 -1.49
C ALA A 25 4.16 -9.35 -1.90
N MET A 26 3.53 -8.63 -0.98
CA MET A 26 2.39 -7.86 -1.39
C MET A 26 2.94 -6.72 -2.24
N ILE A 27 2.29 -6.50 -3.38
CA ILE A 27 2.47 -5.29 -4.15
C ILE A 27 1.16 -4.57 -4.21
N ALA A 28 1.11 -3.34 -3.63
CA ALA A 28 -0.13 -2.53 -3.63
C ALA A 28 0.17 -1.24 -4.41
N VAL A 29 -0.39 -1.12 -5.61
CA VAL A 29 -0.19 0.10 -6.40
C VAL A 29 -1.42 0.94 -6.14
N LEU A 30 -1.29 1.88 -5.19
CA LEU A 30 -2.46 2.57 -4.62
C LEU A 30 -2.52 4.00 -5.10
N GLU A 31 -3.72 4.44 -5.47
CA GLU A 31 -3.96 5.82 -5.86
C GLU A 31 -4.97 6.48 -4.93
N TYR A 32 -4.56 7.58 -4.34
CA TYR A 32 -5.35 8.41 -3.45
C TYR A 32 -5.75 9.68 -4.23
N ASP A 33 -6.72 10.39 -3.67
CA ASP A 33 -7.08 11.72 -4.13
C ASP A 33 -6.33 12.81 -3.34
N VAL A 34 -5.64 13.67 -4.09
CA VAL A 34 -4.87 14.79 -3.54
C VAL A 34 -5.72 15.74 -2.69
N ASN A 35 -6.94 16.00 -3.13
N ASN A 35 -6.95 16.02 -3.12
CA ASN A 35 -7.85 16.90 -2.40
CA ASN A 35 -7.83 16.91 -2.33
C ASN A 35 -8.21 16.29 -1.03
C ASN A 35 -8.19 16.28 -0.99
N GLU A 36 -8.44 14.98 -1.01
CA GLU A 36 -8.70 14.24 0.22
C GLU A 36 -7.42 14.14 1.12
N LEU A 37 -6.26 13.84 0.56
CA LEU A 37 -5.04 13.90 1.39
C LEU A 37 -4.79 15.29 2.03
N SER A 38 -4.87 16.34 1.22
CA SER A 38 -4.63 17.71 1.68
C SER A 38 -5.55 18.10 2.81
N LYS A 39 -6.83 17.72 2.66
CA LYS A 39 -7.82 17.88 3.72
C LYS A 39 -7.45 17.23 5.07
N HIS A 40 -6.90 16.00 5.10
CA HIS A 40 -6.47 15.34 6.36
C HIS A 40 -5.02 15.72 6.79
N GLY A 41 -4.50 16.80 6.20
CA GLY A 41 -3.26 17.43 6.64
C GLY A 41 -2.01 16.98 5.92
N TYR A 42 -2.18 16.31 4.77
CA TYR A 42 -1.02 15.87 3.96
C TYR A 42 -0.51 16.93 2.98
N THR A 43 0.45 17.72 3.43
CA THR A 43 0.89 18.88 2.64
C THR A 43 1.91 18.46 1.57
N ASN A 44 2.96 17.78 2.03
CA ASN A 44 3.97 17.18 1.16
C ASN A 44 3.51 15.74 1.03
N LEU A 45 3.01 15.44 -0.17
CA LEU A 45 2.60 14.10 -0.53
C LEU A 45 3.80 13.15 -0.52
N TRP A 46 5.01 13.71 -0.54
CA TRP A 46 6.23 12.90 -0.51
C TRP A 46 6.61 12.38 0.87
N ASP A 47 6.11 13.04 1.91
CA ASP A 47 6.47 12.81 3.29
C ASP A 47 5.47 11.89 3.97
N VAL A 48 5.62 10.63 3.66
CA VAL A 48 4.66 9.61 4.09
C VAL A 48 5.39 8.29 4.33
N GLN A 49 4.80 7.50 5.21
CA GLN A 49 5.26 6.22 5.55
C GLN A 49 4.06 5.32 5.48
N PHE A 50 4.30 4.07 5.17
CA PHE A 50 3.23 3.07 5.15
C PHE A 50 3.56 1.98 6.12
N LYS A 51 2.53 1.52 6.82
CA LYS A 51 2.60 0.27 7.56
C LYS A 51 1.63 -0.73 6.94
N VAL A 52 2.10 -1.96 6.81
CA VAL A 52 1.30 -3.06 6.34
C VAL A 52 0.99 -3.87 7.61
N LEU A 53 -0.29 -3.98 7.87
CA LEU A 53 -0.88 -4.67 9.04
C LEU A 53 -1.50 -6.05 8.70
N VAL A 54 -1.09 -7.10 9.39
CA VAL A 54 -1.72 -8.40 9.16
C VAL A 54 -2.43 -8.82 10.45
N GLY A 55 -3.69 -9.15 10.31
CA GLY A 55 -4.51 -9.60 11.44
C GLY A 55 -6.00 -9.59 11.16
N VAL A 56 -6.78 -9.47 12.22
CA VAL A 56 -8.25 -9.52 12.11
C VAL A 56 -8.81 -8.14 12.45
N PRO A 57 -9.64 -7.54 11.55
CA PRO A 57 -10.17 -6.21 11.78
C PRO A 57 -11.24 -6.16 12.80
N HIS A 58 -11.35 -5.00 13.42
CA HIS A 58 -12.31 -4.80 14.45
C HIS A 58 -13.73 -4.77 13.78
N ALA A 59 -14.71 -5.45 14.37
CA ALA A 59 -16.02 -5.62 13.71
C ALA A 59 -16.78 -4.29 13.46
N GLU A 60 -16.49 -3.28 14.27
CA GLU A 60 -17.17 -1.99 14.15
C GLU A 60 -16.37 -0.95 13.33
N THR A 61 -15.06 -0.87 13.54
CA THR A 61 -14.22 0.18 12.89
C THR A 61 -13.50 -0.30 11.65
N GLY A 62 -13.30 -1.62 11.50
CA GLY A 62 -12.57 -2.16 10.33
C GLY A 62 -11.04 -2.13 10.48
N VAL A 63 -10.58 -1.58 11.59
CA VAL A 63 -9.14 -1.44 11.83
C VAL A 63 -8.59 -2.71 12.50
N ILE A 64 -7.44 -3.13 12.02
CA ILE A 64 -6.63 -4.15 12.69
C ILE A 64 -5.83 -3.50 13.84
N TYR A 65 -6.44 -3.46 15.04
CA TYR A 65 -5.85 -2.85 16.19
C TYR A 65 -4.71 -3.67 16.80
N ASP A 66 -4.80 -4.98 16.67
CA ASP A 66 -3.81 -5.87 17.31
C ASP A 66 -3.25 -6.76 16.23
N PRO A 67 -2.51 -6.16 15.27
CA PRO A 67 -1.92 -6.97 14.19
C PRO A 67 -1.02 -8.09 14.76
N VAL A 68 -1.05 -9.23 14.12
CA VAL A 68 -0.11 -10.32 14.42
C VAL A 68 1.25 -10.05 13.77
N TYR A 69 1.27 -9.23 12.73
CA TYR A 69 2.49 -8.86 12.05
C TYR A 69 2.28 -7.40 11.50
N GLU A 70 3.28 -6.55 11.69
N GLU A 70 3.36 -6.61 11.56
CA GLU A 70 3.32 -5.27 11.00
CA GLU A 70 3.38 -5.19 11.19
C GLU A 70 4.63 -5.19 10.25
C GLU A 70 4.69 -4.90 10.44
N GLU A 71 4.63 -4.35 9.23
CA GLU A 71 5.81 -4.05 8.42
C GLU A 71 5.77 -2.59 7.91
N THR A 72 6.85 -1.85 8.16
CA THR A 72 7.00 -0.50 7.62
C THR A 72 7.55 -0.59 6.23
N VAL A 73 6.95 0.21 5.33
CA VAL A 73 7.33 0.22 3.90
C VAL A 73 7.55 1.64 3.39
N LYS A 74 8.67 1.81 2.72
CA LYS A 74 8.99 3.07 2.07
C LYS A 74 8.47 2.85 0.68
N PRO A 75 7.49 3.67 0.25
CA PRO A 75 6.91 3.45 -1.05
C PRO A 75 7.84 3.87 -2.21
N TYR A 76 7.59 3.29 -3.36
CA TYR A 76 8.04 3.82 -4.65
C TYR A 76 6.98 4.76 -5.14
N GLN A 77 7.36 5.97 -5.53
CA GLN A 77 6.40 6.99 -5.98
C GLN A 77 6.63 7.36 -7.44
N PRO A 78 5.77 6.90 -8.32
CA PRO A 78 5.77 7.29 -9.74
C PRO A 78 5.83 8.80 -9.91
N SER A 79 6.61 9.27 -10.89
CA SER A 79 6.76 10.71 -11.09
C SER A 79 5.56 11.39 -11.71
N ASN A 80 4.83 10.64 -12.52
CA ASN A 80 3.68 11.14 -13.26
C ASN A 80 2.37 10.61 -12.71
N ASN A 81 1.44 11.52 -12.49
CA ASN A 81 0.17 11.19 -11.88
C ASN A 81 -0.98 11.79 -12.69
N LEU A 82 -2.08 11.06 -12.68
CA LEU A 82 -3.33 11.60 -13.19
C LEU A 82 -3.67 12.91 -12.44
N THR A 83 -4.41 13.83 -13.09
CA THR A 83 -4.81 15.06 -12.44
C THR A 83 -5.56 14.78 -11.13
N GLY A 84 -5.07 15.43 -10.06
CA GLY A 84 -5.58 15.34 -8.69
C GLY A 84 -5.36 14.00 -8.01
N LYS A 85 -4.55 13.13 -8.58
CA LYS A 85 -4.30 11.80 -7.98
C LYS A 85 -2.85 11.68 -7.50
N LYS A 86 -2.62 10.73 -6.60
CA LYS A 86 -1.29 10.43 -6.11
C LYS A 86 -1.11 8.93 -5.93
N LEU A 87 -0.18 8.39 -6.73
CA LEU A 87 0.19 6.97 -6.71
C LEU A 87 1.33 6.70 -5.72
N TYR A 88 1.15 5.64 -4.94
CA TYR A 88 2.22 5.07 -4.13
C TYR A 88 2.24 3.55 -4.38
N ASN A 89 3.44 3.01 -4.60
CA ASN A 89 3.63 1.60 -4.81
C ASN A 89 4.23 1.05 -3.51
N VAL A 90 3.41 0.26 -2.79
CA VAL A 90 3.74 -0.25 -1.46
C VAL A 90 3.97 -1.76 -1.62
N SER A 91 5.23 -2.22 -1.39
CA SER A 91 5.65 -3.61 -1.64
C SER A 91 6.38 -4.07 -0.40
N THR A 92 5.97 -5.22 0.15
CA THR A 92 6.54 -5.76 1.36
C THR A 92 7.93 -6.36 1.01
N ASN A 93 8.76 -6.62 2.01
CA ASN A 93 10.16 -7.05 1.84
C ASN A 93 10.36 -8.61 1.85
N ASP A 94 9.34 -9.35 1.43
CA ASP A 94 9.34 -10.84 1.53
C ASP A 94 10.60 -11.54 1.00
N MET A 95 10.98 -11.14 -0.21
CA MET A 95 12.19 -11.66 -0.86
C MET A 95 13.44 -11.64 0.04
N HIS A 96 13.58 -10.65 0.92
CA HIS A 96 14.80 -10.47 1.73
C HIS A 96 14.59 -10.70 3.22
N ASN A 97 13.35 -11.00 3.69
CA ASN A 97 13.19 -11.13 5.12
C ASN A 97 12.67 -12.50 5.59
N GLY A 98 12.68 -13.50 4.70
CA GLY A 98 12.06 -14.80 5.00
C GLY A 98 10.55 -14.94 4.70
N TYR A 99 10.04 -14.08 3.79
CA TYR A 99 8.66 -14.12 3.36
C TYR A 99 7.72 -13.90 4.54
N LYS A 100 8.05 -12.93 5.38
CA LYS A 100 7.33 -12.71 6.62
C LYS A 100 5.85 -12.30 6.39
N TRP A 101 5.63 -11.29 5.55
CA TRP A 101 4.28 -10.85 5.26
C TRP A 101 3.43 -12.02 4.67
N SER A 102 3.87 -12.62 3.55
CA SER A 102 3.06 -13.70 2.93
C SER A 102 2.87 -14.93 3.83
N ASN A 103 3.90 -15.41 4.51
CA ASN A 103 3.79 -16.56 5.40
C ASN A 103 2.79 -16.27 6.51
N THR A 104 2.82 -15.05 7.06
CA THR A 104 1.88 -14.68 8.13
C THR A 104 0.44 -14.53 7.61
N MET A 105 0.27 -13.64 6.61
CA MET A 105 -1.05 -13.40 5.97
C MET A 105 -1.78 -14.72 5.66
N PHE A 106 -1.08 -15.65 5.00
CA PHE A 106 -1.69 -16.90 4.58
C PHE A 106 -1.50 -18.07 5.53
N SER A 107 -1.09 -17.82 6.77
CA SER A 107 -1.02 -18.84 7.80
C SER A 107 -2.39 -19.05 8.44
N ASN A 108 -3.35 -18.16 8.18
CA ASN A 108 -4.68 -18.21 8.81
C ASN A 108 -5.67 -17.45 7.90
N SER A 109 -6.60 -18.18 7.30
CA SER A 109 -7.64 -17.65 6.42
C SER A 109 -8.54 -16.59 7.06
N ASN A 110 -8.51 -16.38 8.38
CA ASN A 110 -9.18 -15.22 8.98
C ASN A 110 -8.37 -13.91 8.82
N TYR A 111 -7.10 -14.04 8.47
CA TYR A 111 -6.24 -12.86 8.48
C TYR A 111 -6.51 -12.02 7.23
N LYS A 112 -6.40 -10.72 7.46
CA LYS A 112 -6.47 -9.67 6.43
C LYS A 112 -5.20 -8.80 6.44
N THR A 113 -4.99 -8.10 5.32
CA THR A 113 -3.91 -7.17 5.21
C THR A 113 -4.53 -5.77 5.06
N GLN A 114 -4.15 -4.89 5.95
CA GLN A 114 -4.57 -3.46 5.90
C GLN A 114 -3.36 -2.52 5.78
N ILE A 115 -3.50 -1.50 4.95
CA ILE A 115 -2.38 -0.56 4.66
C ILE A 115 -2.64 0.78 5.32
N LEU A 116 -1.76 1.19 6.23
CA LEU A 116 -1.90 2.43 6.97
C LEU A 116 -0.93 3.45 6.41
N LEU A 117 -1.46 4.61 6.03
CA LEU A 117 -0.66 5.78 5.57
C LEU A 117 -0.57 6.80 6.72
N THR A 118 0.64 7.16 7.08
CA THR A 118 0.86 8.24 8.04
C THR A 118 1.89 9.15 7.38
N LYS A 119 2.24 10.24 8.04
CA LYS A 119 3.45 10.97 7.69
C LYS A 119 4.73 10.18 7.94
N GLY A 120 5.80 10.70 7.35
CA GLY A 120 7.14 10.10 7.38
C GLY A 120 7.61 9.58 8.73
N ASP A 121 7.25 10.32 9.78
CA ASP A 121 7.70 10.06 11.12
C ASP A 121 6.62 9.41 11.98
N GLY A 122 5.53 9.00 11.36
CA GLY A 122 4.50 8.23 12.03
C GLY A 122 3.30 9.06 12.46
N SER A 123 3.49 10.38 12.52
CA SER A 123 2.44 11.29 12.98
C SER A 123 1.43 11.44 11.84
N GLY A 124 0.48 12.34 12.09
CA GLY A 124 -0.53 12.72 11.13
C GLY A 124 -1.79 11.94 11.37
N VAL A 125 -2.85 12.35 10.67
CA VAL A 125 -4.07 11.59 10.64
C VAL A 125 -3.77 10.23 9.99
N LYS A 126 -4.22 9.18 10.66
CA LYS A 126 -4.02 7.82 10.18
C LYS A 126 -5.08 7.51 9.12
N LEU A 127 -4.61 7.20 7.91
CA LEU A 127 -5.43 6.97 6.75
C LEU A 127 -5.29 5.49 6.38
N TYR A 128 -6.38 4.74 6.55
CA TYR A 128 -6.42 3.28 6.38
C TYR A 128 -7.07 2.86 5.09
N SER A 129 -6.54 1.78 4.52
CA SER A 129 -7.23 0.98 3.51
C SER A 129 -8.17 0.04 4.23
N LYS A 130 -9.10 -0.49 3.46
CA LYS A 130 -9.90 -1.61 3.83
C LYS A 130 -8.98 -2.77 4.26
N ALA A 131 -9.41 -3.55 5.27
CA ALA A 131 -8.71 -4.78 5.61
C ALA A 131 -9.03 -5.79 4.52
N TYR A 132 -8.01 -6.07 3.73
CA TYR A 132 -8.16 -6.86 2.50
C TYR A 132 -7.88 -8.34 2.68
N SER A 133 -8.63 -9.13 1.96
CA SER A 133 -8.33 -10.51 1.75
C SER A 133 -7.46 -10.67 0.49
N GLU A 134 -7.13 -11.93 0.23
CA GLU A 134 -6.42 -12.32 -0.95
C GLU A 134 -7.02 -11.62 -2.16
N ASN A 135 -6.15 -11.21 -3.06
CA ASN A 135 -6.54 -10.48 -4.28
C ASN A 135 -7.33 -9.20 -4.06
N PHE A 136 -7.10 -8.56 -2.92
CA PHE A 136 -7.70 -7.32 -2.48
C PHE A 136 -9.21 -7.40 -2.39
N LYS A 137 -9.75 -8.57 -2.08
CA LYS A 137 -11.17 -8.73 -1.95
C LYS A 137 -11.59 -8.35 -0.54
C1 DIO B . -1.12 7.00 -14.03
C2 DIO B . -0.24 6.18 -16.23
C1' DIO B . -2.45 6.33 -14.30
C2' DIO B . -1.64 5.67 -16.61
O1 DIO B . -0.09 6.33 -14.80
O1' DIO B . -2.67 6.19 -15.72
C1 GOL C . 13.14 -6.43 8.00
O1 GOL C . 13.32 -7.78 8.43
C2 GOL C . 11.73 -6.20 7.42
O2 GOL C . 11.59 -6.90 6.23
C3 GOL C . 11.43 -4.72 7.03
O3 GOL C . 10.43 -4.10 7.84
C1 GOL D . 10.04 -1.72 -7.37
O1 GOL D . 9.36 -1.54 -6.16
C2 GOL D . 9.62 -0.60 -8.32
O2 GOL D . 8.27 -0.22 -8.12
C3 GOL D . 9.77 -0.95 -9.78
O3 GOL D . 9.17 0.10 -10.51
C1 GOL E . -6.26 13.36 -16.02
O1 GOL E . -4.84 13.20 -15.95
C2 GOL E . -7.21 12.40 -15.22
O2 GOL E . -8.19 11.82 -16.11
C3 GOL E . -7.98 13.05 -14.03
O3 GOL E . -7.86 12.35 -12.76
S SO4 F . 4.11 17.42 -3.10
O1 SO4 F . 3.11 17.24 -2.05
O2 SO4 F . 3.61 18.43 -4.05
O3 SO4 F . 5.33 17.98 -2.47
O4 SO4 F . 4.40 16.19 -3.88
S SO4 G . -2.88 -18.88 13.28
O1 SO4 G . -3.55 -19.99 12.58
O2 SO4 G . -2.19 -19.40 14.48
O3 SO4 G . -1.90 -18.17 12.42
O4 SO4 G . -3.87 -17.91 13.73
#